data_2GX1
#
_entry.id   2GX1
#
_entity_poly.entity_id   1
_entity_poly.type   'polypeptide(L)'
_entity_poly.pdbx_seq_one_letter_code
;GCKLTFWKCKNKKECCGWNACALGICMPR
;
_entity_poly.pdbx_strand_id   A
#
# COMPACT_ATOMS: atom_id res chain seq x y z
N GLY A 1 1.02 -10.08 -5.94
CA GLY A 1 0.24 -9.01 -6.63
C GLY A 1 -0.35 -8.04 -5.59
N CYS A 2 -1.65 -8.05 -5.42
CA CYS A 2 -2.30 -7.13 -4.43
C CYS A 2 -1.78 -7.40 -3.01
N LYS A 3 -1.65 -6.38 -2.20
CA LYS A 3 -1.15 -6.59 -0.79
C LYS A 3 -2.01 -5.80 0.21
N LEU A 4 -1.67 -5.89 1.46
CA LEU A 4 -2.45 -5.18 2.52
C LEU A 4 -1.81 -3.81 2.84
N THR A 5 -1.68 -3.46 4.10
CA THR A 5 -1.10 -2.14 4.49
C THR A 5 0.45 -2.20 4.54
N PHE A 6 1.01 -2.82 5.54
CA PHE A 6 2.50 -2.89 5.65
C PHE A 6 3.12 -3.88 4.66
N TRP A 7 2.62 -3.91 3.44
CA TRP A 7 3.21 -4.82 2.42
C TRP A 7 4.01 -3.96 1.44
N LYS A 8 5.29 -4.17 1.35
CA LYS A 8 6.15 -3.34 0.44
C LYS A 8 5.41 -3.05 -0.87
N CYS A 9 4.87 -1.87 -1.00
CA CYS A 9 4.12 -1.53 -2.24
C CYS A 9 4.89 -0.52 -3.10
N LYS A 10 4.56 -0.46 -4.36
CA LYS A 10 5.25 0.51 -5.28
C LYS A 10 4.40 1.78 -5.36
N ASN A 11 3.16 1.64 -5.69
CA ASN A 11 2.24 2.81 -5.77
C ASN A 11 1.11 2.63 -4.76
N LYS A 12 0.23 3.60 -4.63
CA LYS A 12 -0.88 3.47 -3.64
C LYS A 12 -2.06 2.65 -4.19
N LYS A 13 -2.12 2.41 -5.48
CA LYS A 13 -3.26 1.61 -6.03
C LYS A 13 -2.93 0.11 -6.11
N GLU A 14 -1.83 -0.34 -5.55
CA GLU A 14 -1.51 -1.80 -5.61
C GLU A 14 -1.99 -2.52 -4.34
N CYS A 15 -2.24 -1.80 -3.27
CA CYS A 15 -2.74 -2.47 -2.03
C CYS A 15 -4.24 -2.77 -2.18
N CYS A 16 -4.70 -3.92 -1.74
CA CYS A 16 -6.15 -4.27 -1.87
C CYS A 16 -7.00 -3.20 -1.17
N GLY A 17 -6.74 -2.93 0.08
CA GLY A 17 -7.52 -1.88 0.79
C GLY A 17 -6.98 -0.52 0.35
N TRP A 18 -7.69 0.18 -0.50
CA TRP A 18 -7.22 1.52 -1.00
C TRP A 18 -6.48 2.29 0.09
N ASN A 19 -5.18 2.17 0.11
CA ASN A 19 -4.35 2.86 1.14
C ASN A 19 -3.30 3.74 0.46
N ALA A 20 -2.33 4.21 1.20
CA ALA A 20 -1.28 5.06 0.59
C ALA A 20 0.11 4.45 0.79
N CYS A 21 0.83 4.23 -0.28
CA CYS A 21 2.21 3.67 -0.14
C CYS A 21 3.13 4.83 0.24
N ALA A 22 3.19 5.16 1.51
CA ALA A 22 4.02 6.33 1.95
C ALA A 22 5.34 5.91 2.56
N LEU A 23 5.32 5.34 3.73
CA LEU A 23 6.60 4.93 4.40
C LEU A 23 7.17 3.66 3.74
N GLY A 24 7.33 3.66 2.44
CA GLY A 24 7.86 2.45 1.75
C GLY A 24 6.80 1.34 1.75
N ILE A 25 5.63 1.59 2.29
CA ILE A 25 4.54 0.56 2.33
C ILE A 25 3.18 1.27 2.37
N CYS A 26 2.10 0.54 2.44
CA CYS A 26 0.76 1.21 2.53
C CYS A 26 0.46 1.53 3.99
N MET A 27 0.22 2.78 4.32
CA MET A 27 -0.08 3.10 5.75
C MET A 27 -1.02 4.32 5.88
N PRO A 28 -0.50 5.51 5.68
CA PRO A 28 -1.33 6.73 5.81
C PRO A 28 -2.23 6.90 4.57
N ARG A 29 -3.30 6.17 4.51
CA ARG A 29 -4.23 6.25 3.34
C ARG A 29 -4.74 7.68 3.13
N GLY A 1 -3.61 -9.28 -8.33
CA GLY A 1 -3.50 -9.42 -6.86
C GLY A 1 -2.98 -8.11 -6.27
N CYS A 2 -3.03 -7.97 -4.97
CA CYS A 2 -2.53 -6.70 -4.34
C CYS A 2 -2.01 -7.00 -2.92
N LYS A 3 -1.36 -6.04 -2.30
CA LYS A 3 -0.82 -6.28 -0.91
C LYS A 3 -1.71 -5.58 0.13
N LEU A 4 -1.42 -5.79 1.39
CA LEU A 4 -2.24 -5.16 2.47
C LEU A 4 -1.63 -3.79 2.86
N THR A 5 -1.53 -3.50 4.13
CA THR A 5 -0.98 -2.18 4.56
C THR A 5 0.56 -2.22 4.65
N PHE A 6 1.10 -2.88 5.65
CA PHE A 6 2.58 -2.94 5.81
C PHE A 6 3.26 -3.84 4.77
N TRP A 7 2.77 -3.89 3.57
CA TRP A 7 3.43 -4.73 2.52
C TRP A 7 4.23 -3.80 1.62
N LYS A 8 5.53 -3.96 1.57
CA LYS A 8 6.38 -3.06 0.71
C LYS A 8 5.73 -2.87 -0.65
N CYS A 9 5.08 -1.76 -0.85
CA CYS A 9 4.40 -1.50 -2.17
C CYS A 9 5.19 -0.53 -3.03
N LYS A 10 4.81 -0.42 -4.28
CA LYS A 10 5.48 0.53 -5.21
C LYS A 10 4.51 1.68 -5.51
N ASN A 11 3.25 1.36 -5.75
CA ASN A 11 2.23 2.40 -6.02
C ASN A 11 1.26 2.49 -4.84
N LYS A 12 0.43 3.50 -4.80
CA LYS A 12 -0.54 3.63 -3.69
C LYS A 12 -1.86 2.91 -4.01
N LYS A 13 -2.19 2.79 -5.27
CA LYS A 13 -3.47 2.10 -5.62
C LYS A 13 -3.25 0.57 -5.77
N GLU A 14 -2.07 0.08 -5.53
CA GLU A 14 -1.84 -1.40 -5.67
C GLU A 14 -2.21 -2.13 -4.36
N CYS A 15 -2.40 -1.41 -3.27
CA CYS A 15 -2.79 -2.11 -2.00
C CYS A 15 -4.23 -2.61 -2.11
N CYS A 16 -4.53 -3.79 -1.60
CA CYS A 16 -5.94 -4.32 -1.71
C CYS A 16 -6.93 -3.31 -1.13
N GLY A 17 -6.86 -3.05 0.15
CA GLY A 17 -7.78 -2.07 0.76
C GLY A 17 -7.24 -0.68 0.46
N TRP A 18 -7.82 0.01 -0.49
CA TRP A 18 -7.34 1.37 -0.90
C TRP A 18 -6.49 2.04 0.18
N ASN A 19 -5.19 1.86 0.09
CA ASN A 19 -4.27 2.44 1.10
C ASN A 19 -3.33 3.44 0.41
N ALA A 20 -2.23 3.77 1.02
CA ALA A 20 -1.28 4.72 0.39
C ALA A 20 0.15 4.24 0.56
N CYS A 21 0.89 4.13 -0.50
CA CYS A 21 2.31 3.66 -0.39
C CYS A 21 3.16 4.85 0.06
N ALA A 22 3.25 5.05 1.35
CA ALA A 22 4.01 6.23 1.88
C ALA A 22 5.34 5.82 2.52
N LEU A 23 5.31 5.30 3.72
CA LEU A 23 6.59 4.90 4.41
C LEU A 23 7.10 3.57 3.83
N GLY A 24 7.24 3.49 2.53
CA GLY A 24 7.74 2.22 1.91
C GLY A 24 6.67 1.12 2.00
N ILE A 25 5.46 1.47 2.38
CA ILE A 25 4.36 0.46 2.50
C ILE A 25 3.00 1.14 2.35
N CYS A 26 1.95 0.37 2.36
CA CYS A 26 0.58 0.96 2.26
C CYS A 26 0.11 1.35 3.66
N MET A 27 0.05 2.61 4.01
CA MET A 27 -0.39 2.96 5.39
C MET A 27 -1.25 4.24 5.45
N PRO A 28 -0.62 5.40 5.39
CA PRO A 28 -1.37 6.68 5.48
C PRO A 28 -2.24 6.92 4.23
N ARG A 29 -3.42 6.36 4.22
CA ARG A 29 -4.35 6.52 3.06
C ARG A 29 -4.50 8.00 2.70
N GLY A 1 -1.38 -8.64 -8.81
CA GLY A 1 -0.55 -8.06 -7.72
C GLY A 1 -1.41 -7.20 -6.79
N CYS A 2 -1.39 -7.47 -5.51
CA CYS A 2 -2.23 -6.67 -4.56
C CYS A 2 -1.84 -7.01 -3.12
N LYS A 3 -1.46 -6.03 -2.34
CA LYS A 3 -1.05 -6.32 -0.91
C LYS A 3 -1.92 -5.56 0.08
N LEU A 4 -1.58 -5.65 1.34
CA LEU A 4 -2.37 -4.94 2.39
C LEU A 4 -1.70 -3.60 2.75
N THR A 5 -1.70 -3.24 4.00
CA THR A 5 -1.08 -1.94 4.42
C THR A 5 0.46 -2.07 4.53
N PHE A 6 0.96 -2.71 5.55
CA PHE A 6 2.45 -2.85 5.73
C PHE A 6 3.07 -3.86 4.74
N TRP A 7 2.61 -3.88 3.51
CA TRP A 7 3.21 -4.79 2.51
C TRP A 7 4.01 -3.95 1.51
N LYS A 8 5.31 -4.11 1.46
CA LYS A 8 6.16 -3.30 0.52
C LYS A 8 5.41 -3.04 -0.80
N CYS A 9 4.86 -1.87 -0.96
CA CYS A 9 4.12 -1.57 -2.23
C CYS A 9 4.83 -0.50 -3.06
N LYS A 10 4.57 -0.45 -4.34
CA LYS A 10 5.22 0.57 -5.20
C LYS A 10 4.28 1.76 -5.39
N ASN A 11 3.00 1.49 -5.60
CA ASN A 11 2.01 2.59 -5.79
C ASN A 11 0.83 2.37 -4.84
N LYS A 12 0.10 3.41 -4.51
CA LYS A 12 -1.06 3.27 -3.57
C LYS A 12 -2.14 2.31 -4.13
N LYS A 13 -2.35 2.30 -5.42
CA LYS A 13 -3.39 1.38 -6.00
C LYS A 13 -2.92 -0.09 -5.98
N GLU A 14 -1.72 -0.37 -5.53
CA GLU A 14 -1.24 -1.79 -5.48
C GLU A 14 -1.79 -2.49 -4.22
N CYS A 15 -2.19 -1.75 -3.22
CA CYS A 15 -2.74 -2.40 -1.99
C CYS A 15 -4.24 -2.66 -2.18
N CYS A 16 -4.68 -3.87 -1.93
CA CYS A 16 -6.13 -4.21 -2.12
C CYS A 16 -7.01 -3.20 -1.37
N GLY A 17 -6.85 -3.09 -0.08
CA GLY A 17 -7.66 -2.09 0.68
C GLY A 17 -7.11 -0.71 0.37
N TRP A 18 -7.78 0.03 -0.49
CA TRP A 18 -7.32 1.39 -0.89
C TRP A 18 -6.55 2.09 0.24
N ASN A 19 -5.25 2.08 0.13
CA ASN A 19 -4.39 2.72 1.18
C ASN A 19 -3.26 3.49 0.49
N ALA A 20 -2.56 4.31 1.23
CA ALA A 20 -1.46 5.12 0.60
C ALA A 20 -0.09 4.48 0.83
N CYS A 21 0.62 4.16 -0.22
CA CYS A 21 1.99 3.60 -0.07
C CYS A 21 2.92 4.77 0.23
N ALA A 22 3.30 4.95 1.47
CA ALA A 22 4.16 6.12 1.83
C ALA A 22 5.50 5.70 2.43
N LEU A 23 5.51 5.29 3.68
CA LEU A 23 6.79 4.88 4.34
C LEU A 23 7.30 3.54 3.78
N GLY A 24 7.49 3.45 2.48
CA GLY A 24 7.97 2.17 1.87
C GLY A 24 6.85 1.12 1.88
N ILE A 25 5.69 1.47 2.39
CA ILE A 25 4.56 0.49 2.43
C ILE A 25 3.23 1.26 2.42
N CYS A 26 2.13 0.56 2.47
CA CYS A 26 0.82 1.28 2.51
C CYS A 26 0.50 1.61 3.96
N MET A 27 0.27 2.86 4.28
CA MET A 27 -0.03 3.20 5.70
C MET A 27 -0.93 4.46 5.83
N PRO A 28 -0.36 5.63 5.61
CA PRO A 28 -1.16 6.88 5.74
C PRO A 28 -2.13 7.07 4.56
N ARG A 29 -3.16 6.25 4.49
CA ARG A 29 -4.15 6.36 3.38
C ARG A 29 -4.63 7.80 3.23
N GLY A 1 -2.36 -8.76 -8.92
CA GLY A 1 -2.29 -9.06 -7.46
C GLY A 1 -2.40 -7.77 -6.65
N CYS A 2 -2.21 -7.85 -5.36
CA CYS A 2 -2.29 -6.62 -4.50
C CYS A 2 -1.77 -6.95 -3.09
N LYS A 3 -1.50 -5.96 -2.29
CA LYS A 3 -0.99 -6.23 -0.91
C LYS A 3 -1.88 -5.53 0.13
N LEU A 4 -1.52 -5.63 1.37
CA LEU A 4 -2.32 -4.99 2.45
C LEU A 4 -1.67 -3.65 2.84
N THR A 5 -1.49 -3.39 4.11
CA THR A 5 -0.88 -2.09 4.54
C THR A 5 0.66 -2.20 4.61
N PHE A 6 1.17 -2.86 5.62
CA PHE A 6 2.66 -2.98 5.77
C PHE A 6 3.28 -3.91 4.71
N TRP A 7 2.77 -3.93 3.51
CA TRP A 7 3.36 -4.78 2.46
C TRP A 7 4.19 -3.88 1.54
N LYS A 8 5.49 -4.14 1.44
CA LYS A 8 6.35 -3.28 0.58
C LYS A 8 5.65 -2.96 -0.73
N CYS A 9 5.13 -1.77 -0.86
CA CYS A 9 4.38 -1.41 -2.11
C CYS A 9 5.16 -0.37 -2.92
N LYS A 10 4.90 -0.32 -4.19
CA LYS A 10 5.56 0.68 -5.09
C LYS A 10 4.53 1.75 -5.47
N ASN A 11 3.29 1.38 -5.58
CA ASN A 11 2.22 2.37 -5.94
C ASN A 11 1.12 2.37 -4.88
N LYS A 12 0.24 3.33 -4.92
CA LYS A 12 -0.87 3.40 -3.93
C LYS A 12 -2.02 2.46 -4.32
N LYS A 13 -2.31 2.34 -5.60
CA LYS A 13 -3.44 1.45 -6.04
C LYS A 13 -3.05 -0.04 -5.99
N GLU A 14 -1.81 -0.38 -5.73
CA GLU A 14 -1.45 -1.84 -5.69
C GLU A 14 -1.88 -2.49 -4.36
N CYS A 15 -2.22 -1.70 -3.36
CA CYS A 15 -2.65 -2.30 -2.05
C CYS A 15 -4.16 -2.54 -2.06
N CYS A 16 -4.59 -3.67 -1.59
CA CYS A 16 -6.06 -3.95 -1.55
C CYS A 16 -6.68 -3.16 -0.39
N GLY A 17 -7.82 -2.57 -0.60
CA GLY A 17 -8.45 -1.75 0.49
C GLY A 17 -7.85 -0.35 0.41
N TRP A 18 -8.04 0.30 -0.72
CA TRP A 18 -7.51 1.68 -0.98
C TRP A 18 -6.71 2.27 0.18
N ASN A 19 -5.42 2.03 0.18
CA ASN A 19 -4.53 2.56 1.25
C ASN A 19 -3.48 3.46 0.57
N ALA A 20 -2.49 3.95 1.29
CA ALA A 20 -1.47 4.83 0.63
C ALA A 20 -0.06 4.28 0.77
N CYS A 21 0.65 4.14 -0.32
CA CYS A 21 2.05 3.64 -0.27
C CYS A 21 2.93 4.83 0.15
N ALA A 22 3.18 4.97 1.44
CA ALA A 22 3.97 6.14 1.92
C ALA A 22 5.36 5.74 2.45
N LEU A 23 5.45 5.30 3.69
CA LEU A 23 6.79 4.94 4.28
C LEU A 23 7.33 3.65 3.64
N GLY A 24 7.43 3.58 2.34
CA GLY A 24 7.94 2.34 1.68
C GLY A 24 6.89 1.23 1.77
N ILE A 25 5.73 1.52 2.32
CA ILE A 25 4.65 0.50 2.43
C ILE A 25 3.30 1.21 2.44
N CYS A 26 2.22 0.48 2.55
CA CYS A 26 0.89 1.14 2.59
C CYS A 26 0.51 1.41 4.04
N MET A 27 0.18 2.64 4.38
CA MET A 27 -0.18 2.95 5.79
C MET A 27 -1.14 4.15 5.88
N PRO A 28 -0.63 5.34 5.62
CA PRO A 28 -1.46 6.57 5.71
C PRO A 28 -2.39 6.68 4.49
N ARG A 29 -3.40 5.85 4.43
CA ARG A 29 -4.36 5.87 3.28
C ARG A 29 -4.92 7.29 3.05
N GLY A 1 -2.38 -9.26 -8.20
CA GLY A 1 -2.85 -9.28 -6.78
C GLY A 1 -2.51 -7.95 -6.11
N CYS A 2 -2.81 -7.81 -4.84
CA CYS A 2 -2.48 -6.53 -4.12
C CYS A 2 -1.88 -6.84 -2.75
N LYS A 3 -1.42 -5.86 -2.04
CA LYS A 3 -0.82 -6.12 -0.69
C LYS A 3 -1.65 -5.42 0.39
N LEU A 4 -1.40 -5.73 1.63
CA LEU A 4 -2.15 -5.09 2.75
C LEU A 4 -1.52 -3.73 3.10
N THR A 5 -1.38 -3.42 4.37
CA THR A 5 -0.80 -2.10 4.75
C THR A 5 0.75 -2.18 4.82
N PHE A 6 1.29 -2.82 5.81
CA PHE A 6 2.78 -2.92 5.93
C PHE A 6 3.41 -3.85 4.88
N TRP A 7 2.86 -3.90 3.69
CA TRP A 7 3.46 -4.76 2.64
C TRP A 7 4.25 -3.88 1.68
N LYS A 8 5.53 -4.13 1.51
CA LYS A 8 6.37 -3.28 0.59
C LYS A 8 5.62 -3.05 -0.73
N CYS A 9 5.03 -1.90 -0.88
CA CYS A 9 4.25 -1.62 -2.14
C CYS A 9 4.98 -0.60 -3.03
N LYS A 10 4.40 -0.32 -4.17
CA LYS A 10 5.03 0.65 -5.12
C LYS A 10 4.13 1.91 -5.22
N ASN A 11 2.88 1.74 -5.55
CA ASN A 11 1.96 2.92 -5.64
C ASN A 11 0.80 2.76 -4.65
N LYS A 12 0.00 3.78 -4.46
CA LYS A 12 -1.13 3.67 -3.48
C LYS A 12 -2.23 2.70 -3.96
N LYS A 13 -2.50 2.64 -5.24
CA LYS A 13 -3.56 1.70 -5.74
C LYS A 13 -3.05 0.24 -5.73
N GLU A 14 -1.81 0.03 -5.35
CA GLU A 14 -1.27 -1.37 -5.31
C GLU A 14 -1.77 -2.11 -4.05
N CYS A 15 -2.16 -1.41 -3.03
CA CYS A 15 -2.64 -2.08 -1.79
C CYS A 15 -4.05 -2.63 -2.02
N CYS A 16 -4.44 -3.65 -1.31
CA CYS A 16 -5.80 -4.24 -1.50
C CYS A 16 -6.86 -3.22 -1.09
N GLY A 17 -7.94 -3.16 -1.83
CA GLY A 17 -9.01 -2.16 -1.51
C GLY A 17 -8.46 -0.77 -1.75
N TRP A 18 -7.91 -0.16 -0.74
CA TRP A 18 -7.31 1.20 -0.89
C TRP A 18 -6.36 1.50 0.27
N ASN A 19 -5.26 2.10 -0.02
CA ASN A 19 -4.25 2.44 1.03
C ASN A 19 -3.27 3.45 0.43
N ALA A 20 -2.22 3.80 1.13
CA ALA A 20 -1.25 4.76 0.57
C ALA A 20 0.18 4.23 0.70
N CYS A 21 0.85 4.06 -0.40
CA CYS A 21 2.26 3.56 -0.35
C CYS A 21 3.14 4.76 0.01
N ALA A 22 3.35 4.98 1.29
CA ALA A 22 4.13 6.18 1.72
C ALA A 22 5.50 5.81 2.32
N LEU A 23 5.50 5.22 3.49
CA LEU A 23 6.80 4.87 4.16
C LEU A 23 7.32 3.53 3.61
N GLY A 24 7.40 3.40 2.31
CA GLY A 24 7.88 2.13 1.70
C GLY A 24 6.81 1.05 1.84
N ILE A 25 5.62 1.41 2.27
CA ILE A 25 4.52 0.41 2.45
C ILE A 25 3.16 1.11 2.37
N CYS A 26 2.11 0.36 2.45
CA CYS A 26 0.75 0.97 2.41
C CYS A 26 0.37 1.37 3.85
N MET A 27 0.24 2.64 4.15
CA MET A 27 -0.12 3.00 5.55
C MET A 27 -0.98 4.28 5.64
N PRO A 28 -0.36 5.44 5.49
CA PRO A 28 -1.11 6.73 5.60
C PRO A 28 -2.04 6.92 4.40
N ARG A 29 -3.11 6.16 4.35
CA ARG A 29 -4.09 6.27 3.21
C ARG A 29 -4.57 7.73 3.03
N GLY A 1 -0.86 -11.62 -5.43
CA GLY A 1 -1.78 -10.62 -6.03
C GLY A 1 -1.61 -9.27 -5.32
N CYS A 2 -2.68 -8.56 -5.09
CA CYS A 2 -2.58 -7.24 -4.39
C CYS A 2 -2.08 -7.46 -2.95
N LYS A 3 -1.56 -6.44 -2.32
CA LYS A 3 -1.05 -6.62 -0.92
C LYS A 3 -1.88 -5.80 0.07
N LEU A 4 -1.61 -5.98 1.32
CA LEU A 4 -2.37 -5.25 2.39
C LEU A 4 -1.69 -3.90 2.70
N THR A 5 -1.94 -3.38 3.87
CA THR A 5 -1.35 -2.06 4.27
C THR A 5 0.19 -2.12 4.40
N PHE A 6 0.71 -2.79 5.40
CA PHE A 6 2.20 -2.85 5.59
C PHE A 6 2.88 -3.81 4.60
N TRP A 7 2.45 -3.85 3.36
CA TRP A 7 3.12 -4.73 2.38
C TRP A 7 3.95 -3.86 1.44
N LYS A 8 5.25 -4.04 1.45
CA LYS A 8 6.15 -3.20 0.60
C LYS A 8 5.53 -2.93 -0.78
N CYS A 9 4.97 -1.76 -0.95
CA CYS A 9 4.34 -1.41 -2.27
C CYS A 9 5.08 -0.25 -2.93
N LYS A 10 4.65 0.13 -4.11
CA LYS A 10 5.29 1.30 -4.81
C LYS A 10 4.23 2.37 -5.05
N ASN A 11 3.01 1.97 -5.38
CA ASN A 11 1.92 2.96 -5.60
C ASN A 11 0.79 2.69 -4.61
N LYS A 12 0.02 3.69 -4.27
CA LYS A 12 -1.08 3.48 -3.27
C LYS A 12 -2.13 2.51 -3.81
N LYS A 13 -2.29 2.40 -5.11
CA LYS A 13 -3.30 1.45 -5.66
C LYS A 13 -2.71 0.04 -5.84
N GLU A 14 -1.58 -0.24 -5.23
CA GLU A 14 -0.98 -1.61 -5.36
C GLU A 14 -1.50 -2.51 -4.23
N CYS A 15 -1.89 -1.93 -3.12
CA CYS A 15 -2.45 -2.78 -2.01
C CYS A 15 -3.97 -2.87 -2.15
N CYS A 16 -4.54 -4.05 -1.94
CA CYS A 16 -6.02 -4.21 -2.10
C CYS A 16 -6.76 -3.18 -1.24
N GLY A 17 -6.46 -3.11 0.02
CA GLY A 17 -7.12 -2.09 0.88
C GLY A 17 -6.65 -0.73 0.39
N TRP A 18 -7.51 -0.02 -0.31
CA TRP A 18 -7.13 1.32 -0.87
C TRP A 18 -6.46 2.20 0.21
N ASN A 19 -5.16 2.11 0.31
CA ASN A 19 -4.40 2.90 1.31
C ASN A 19 -3.39 3.77 0.58
N ALA A 20 -2.37 4.24 1.24
CA ALA A 20 -1.36 5.09 0.55
C ALA A 20 0.04 4.51 0.72
N CYS A 21 0.73 4.26 -0.36
CA CYS A 21 2.12 3.72 -0.24
C CYS A 21 3.04 4.89 0.10
N ALA A 22 3.45 5.00 1.33
CA ALA A 22 4.29 6.17 1.74
C ALA A 22 5.61 5.73 2.39
N LEU A 23 5.54 5.08 3.52
CA LEU A 23 6.81 4.65 4.21
C LEU A 23 7.27 3.31 3.64
N GLY A 24 7.40 3.21 2.34
CA GLY A 24 7.82 1.91 1.72
C GLY A 24 6.67 0.90 1.82
N ILE A 25 5.50 1.33 2.25
CA ILE A 25 4.33 0.40 2.38
C ILE A 25 3.04 1.20 2.30
N CYS A 26 1.92 0.53 2.30
CA CYS A 26 0.62 1.27 2.26
C CYS A 26 0.25 1.67 3.70
N MET A 27 0.12 2.94 4.00
CA MET A 27 -0.22 3.30 5.42
C MET A 27 -1.06 4.60 5.54
N PRO A 28 -0.44 5.73 5.27
CA PRO A 28 -1.16 7.05 5.39
C PRO A 28 -2.18 7.26 4.27
N ARG A 29 -3.29 6.56 4.34
CA ARG A 29 -4.36 6.70 3.29
C ARG A 29 -5.04 8.09 3.35
N GLY A 1 -0.58 -9.50 -8.02
CA GLY A 1 -1.73 -9.43 -7.08
C GLY A 1 -1.65 -8.12 -6.27
N CYS A 2 -2.52 -7.94 -5.30
CA CYS A 2 -2.48 -6.69 -4.48
C CYS A 2 -2.01 -7.01 -3.06
N LYS A 3 -1.59 -6.02 -2.31
CA LYS A 3 -1.13 -6.28 -0.91
C LYS A 3 -2.03 -5.59 0.12
N LEU A 4 -1.64 -5.63 1.37
CA LEU A 4 -2.45 -5.00 2.46
C LEU A 4 -1.82 -3.64 2.87
N THR A 5 -1.58 -3.43 4.14
CA THR A 5 -1.00 -2.13 4.59
C THR A 5 0.54 -2.18 4.60
N PHE A 6 1.13 -2.81 5.59
CA PHE A 6 2.62 -2.89 5.68
C PHE A 6 3.20 -3.86 4.65
N TRP A 7 2.69 -3.86 3.45
CA TRP A 7 3.24 -4.75 2.41
C TRP A 7 4.03 -3.92 1.41
N LYS A 8 5.34 -3.84 1.58
CA LYS A 8 6.22 -3.02 0.66
C LYS A 8 5.57 -2.83 -0.72
N CYS A 9 4.96 -1.69 -0.95
CA CYS A 9 4.30 -1.45 -2.28
C CYS A 9 5.04 -0.41 -3.11
N LYS A 10 4.71 -0.34 -4.38
CA LYS A 10 5.35 0.65 -5.30
C LYS A 10 4.36 1.80 -5.55
N ASN A 11 3.12 1.47 -5.81
CA ASN A 11 2.10 2.55 -6.04
C ASN A 11 0.92 2.39 -5.07
N LYS A 12 0.17 3.45 -4.86
CA LYS A 12 -0.99 3.40 -3.91
C LYS A 12 -2.02 2.34 -4.32
N LYS A 13 -2.29 2.17 -5.59
CA LYS A 13 -3.29 1.14 -6.02
C LYS A 13 -2.75 -0.30 -5.87
N GLU A 14 -1.51 -0.46 -5.47
CA GLU A 14 -0.94 -1.83 -5.32
C GLU A 14 -1.63 -2.58 -4.17
N CYS A 15 -2.02 -1.89 -3.13
CA CYS A 15 -2.68 -2.59 -1.99
C CYS A 15 -4.19 -2.71 -2.27
N CYS A 16 -4.75 -3.88 -2.08
CA CYS A 16 -6.23 -4.04 -2.34
C CYS A 16 -7.00 -3.05 -1.47
N GLY A 17 -6.73 -3.02 -0.20
CA GLY A 17 -7.40 -2.03 0.69
C GLY A 17 -6.86 -0.66 0.30
N TRP A 18 -7.63 0.12 -0.41
CA TRP A 18 -7.15 1.47 -0.88
C TRP A 18 -6.52 2.27 0.26
N ASN A 19 -5.23 2.14 0.40
CA ASN A 19 -4.47 2.86 1.46
C ASN A 19 -3.49 3.80 0.78
N ALA A 20 -2.36 4.06 1.38
CA ALA A 20 -1.38 4.97 0.74
C ALA A 20 0.04 4.41 0.86
N CYS A 21 0.72 4.21 -0.25
CA CYS A 21 2.11 3.71 -0.19
C CYS A 21 3.00 4.90 0.20
N ALA A 22 3.26 5.06 1.47
CA ALA A 22 4.05 6.25 1.94
C ALA A 22 5.41 5.84 2.51
N LEU A 23 5.42 5.24 3.67
CA LEU A 23 6.73 4.85 4.31
C LEU A 23 7.21 3.53 3.70
N GLY A 24 7.30 3.46 2.39
CA GLY A 24 7.74 2.19 1.73
C GLY A 24 6.63 1.12 1.81
N ILE A 25 5.46 1.49 2.31
CA ILE A 25 4.33 0.52 2.42
C ILE A 25 3.00 1.27 2.42
N CYS A 26 1.91 0.56 2.45
CA CYS A 26 0.58 1.23 2.50
C CYS A 26 0.25 1.52 3.96
N MET A 27 0.10 2.76 4.33
CA MET A 27 -0.21 3.05 5.77
C MET A 27 -1.04 4.34 5.93
N PRO A 28 -0.41 5.49 5.77
CA PRO A 28 -1.13 6.79 5.93
C PRO A 28 -2.06 7.02 4.73
N ARG A 29 -3.17 6.32 4.70
CA ARG A 29 -4.15 6.47 3.57
C ARG A 29 -4.65 7.92 3.43
N GLY A 1 -3.99 -8.94 -8.38
CA GLY A 1 -3.07 -9.14 -7.22
C GLY A 1 -3.06 -7.86 -6.38
N CYS A 2 -2.72 -7.96 -5.12
CA CYS A 2 -2.68 -6.74 -4.24
C CYS A 2 -2.10 -7.09 -2.87
N LYS A 3 -1.61 -6.12 -2.15
CA LYS A 3 -1.05 -6.41 -0.79
C LYS A 3 -1.85 -5.65 0.28
N LEU A 4 -1.51 -5.85 1.52
CA LEU A 4 -2.25 -5.15 2.63
C LEU A 4 -1.58 -3.79 2.93
N THR A 5 -1.39 -3.45 4.17
CA THR A 5 -0.78 -2.13 4.51
C THR A 5 0.75 -2.22 4.51
N PHE A 6 1.32 -2.83 5.51
CA PHE A 6 2.82 -2.93 5.59
C PHE A 6 3.41 -3.89 4.55
N TRP A 7 2.85 -3.95 3.38
CA TRP A 7 3.42 -4.85 2.33
C TRP A 7 4.19 -3.98 1.33
N LYS A 8 5.49 -4.12 1.28
CA LYS A 8 6.33 -3.30 0.35
C LYS A 8 5.57 -3.03 -0.96
N CYS A 9 5.04 -1.85 -1.10
CA CYS A 9 4.26 -1.53 -2.35
C CYS A 9 4.94 -0.42 -3.15
N LYS A 10 4.80 -0.46 -4.46
CA LYS A 10 5.44 0.59 -5.32
C LYS A 10 4.44 1.73 -5.60
N ASN A 11 3.17 1.43 -5.63
CA ASN A 11 2.16 2.50 -5.91
C ASN A 11 0.96 2.34 -4.94
N LYS A 12 0.34 3.42 -4.56
CA LYS A 12 -0.82 3.36 -3.59
C LYS A 12 -1.90 2.37 -4.06
N LYS A 13 -2.23 2.35 -5.34
CA LYS A 13 -3.28 1.41 -5.82
C LYS A 13 -2.77 -0.05 -5.86
N GLU A 14 -1.56 -0.30 -5.41
CA GLU A 14 -1.02 -1.69 -5.42
C GLU A 14 -1.56 -2.49 -4.22
N CYS A 15 -2.01 -1.83 -3.19
CA CYS A 15 -2.53 -2.57 -2.01
C CYS A 15 -4.06 -2.68 -2.06
N CYS A 16 -4.62 -3.70 -1.46
CA CYS A 16 -6.11 -3.84 -1.46
C CYS A 16 -6.69 -2.86 -0.45
N GLY A 17 -7.94 -2.46 -0.62
CA GLY A 17 -8.54 -1.48 0.35
C GLY A 17 -7.83 -0.14 0.17
N TRP A 18 -7.93 0.43 -1.02
CA TRP A 18 -7.26 1.73 -1.38
C TRP A 18 -6.44 2.34 -0.23
N ASN A 19 -5.28 1.78 0.02
CA ASN A 19 -4.39 2.31 1.08
C ASN A 19 -3.32 3.21 0.43
N ALA A 20 -2.66 4.03 1.20
CA ALA A 20 -1.63 4.92 0.61
C ALA A 20 -0.22 4.37 0.81
N CYS A 21 0.57 4.35 -0.23
CA CYS A 21 1.97 3.87 -0.08
C CYS A 21 2.83 5.06 0.34
N ALA A 22 3.20 5.12 1.59
CA ALA A 22 3.99 6.30 2.07
C ALA A 22 5.34 5.89 2.66
N LEU A 23 5.34 5.33 3.85
CA LEU A 23 6.63 4.93 4.51
C LEU A 23 7.22 3.67 3.85
N GLY A 24 7.38 3.67 2.55
CA GLY A 24 7.94 2.47 1.86
C GLY A 24 6.90 1.33 1.83
N ILE A 25 5.70 1.60 2.30
CA ILE A 25 4.64 0.56 2.31
C ILE A 25 3.26 1.25 2.30
N CYS A 26 2.19 0.50 2.37
CA CYS A 26 0.85 1.13 2.39
C CYS A 26 0.45 1.41 3.84
N MET A 27 0.19 2.65 4.19
CA MET A 27 -0.18 2.93 5.62
C MET A 27 -1.14 4.12 5.75
N PRO A 28 -0.64 5.33 5.65
CA PRO A 28 -1.50 6.54 5.79
C PRO A 28 -2.42 6.71 4.57
N ARG A 29 -3.47 5.91 4.50
CA ARG A 29 -4.41 5.99 3.33
C ARG A 29 -4.95 7.42 3.13
N GLY A 1 -2.15 -11.22 -5.58
CA GLY A 1 -2.80 -10.00 -6.15
C GLY A 1 -2.27 -8.75 -5.45
N CYS A 2 -3.15 -7.93 -4.93
CA CYS A 2 -2.68 -6.68 -4.22
C CYS A 2 -2.15 -7.04 -2.82
N LYS A 3 -1.53 -6.12 -2.14
CA LYS A 3 -1.00 -6.43 -0.78
C LYS A 3 -1.82 -5.70 0.28
N LEU A 4 -1.52 -5.92 1.53
CA LEU A 4 -2.28 -5.24 2.63
C LEU A 4 -1.66 -3.86 2.93
N THR A 5 -1.40 -3.54 4.18
CA THR A 5 -0.84 -2.20 4.51
C THR A 5 0.70 -2.25 4.54
N PHE A 6 1.27 -2.86 5.54
CA PHE A 6 2.76 -2.93 5.64
C PHE A 6 3.37 -3.92 4.64
N TRP A 7 2.86 -3.99 3.45
CA TRP A 7 3.44 -4.90 2.43
C TRP A 7 4.24 -4.04 1.44
N LYS A 8 5.54 -4.17 1.42
CA LYS A 8 6.40 -3.35 0.50
C LYS A 8 5.66 -3.06 -0.82
N CYS A 9 5.14 -1.88 -0.97
CA CYS A 9 4.39 -1.55 -2.22
C CYS A 9 5.06 -0.40 -2.99
N LYS A 10 4.55 -0.09 -4.15
CA LYS A 10 5.12 1.03 -4.97
C LYS A 10 4.08 2.16 -5.07
N ASN A 11 2.95 1.87 -5.66
CA ASN A 11 1.88 2.92 -5.79
C ASN A 11 0.71 2.58 -4.87
N LYS A 12 0.04 3.58 -4.36
CA LYS A 12 -1.11 3.33 -3.44
C LYS A 12 -2.20 2.44 -4.06
N LYS A 13 -2.26 2.34 -5.37
CA LYS A 13 -3.33 1.49 -6.00
C LYS A 13 -2.91 0.01 -6.09
N GLU A 14 -1.80 -0.38 -5.51
CA GLU A 14 -1.40 -1.82 -5.58
C GLU A 14 -1.83 -2.58 -4.30
N CYS A 15 -2.19 -1.89 -3.26
CA CYS A 15 -2.61 -2.60 -2.02
C CYS A 15 -4.11 -2.90 -2.05
N CYS A 16 -4.56 -3.86 -1.29
CA CYS A 16 -6.03 -4.17 -1.27
C CYS A 16 -6.75 -3.14 -0.40
N GLY A 17 -7.72 -2.45 -0.94
CA GLY A 17 -8.44 -1.42 -0.14
C GLY A 17 -7.61 -0.14 -0.15
N TRP A 18 -7.82 0.69 -1.16
CA TRP A 18 -7.05 1.97 -1.33
C TRP A 18 -6.17 2.32 -0.12
N ASN A 19 -4.91 1.99 -0.19
CA ASN A 19 -3.97 2.29 0.94
C ASN A 19 -2.76 3.07 0.40
N ALA A 20 -2.49 4.22 0.94
CA ALA A 20 -1.35 5.03 0.43
C ALA A 20 -0.01 4.37 0.70
N CYS A 21 0.75 4.11 -0.33
CA CYS A 21 2.10 3.52 -0.12
C CYS A 21 3.04 4.69 0.19
N ALA A 22 3.17 5.03 1.45
CA ALA A 22 4.00 6.22 1.84
C ALA A 22 5.32 5.85 2.53
N LEU A 23 5.26 5.34 3.71
CA LEU A 23 6.53 4.99 4.45
C LEU A 23 7.16 3.72 3.87
N GLY A 24 7.40 3.69 2.57
CA GLY A 24 7.99 2.46 1.95
C GLY A 24 6.95 1.34 1.90
N ILE A 25 5.75 1.59 2.39
CA ILE A 25 4.69 0.53 2.38
C ILE A 25 3.33 1.21 2.38
N CYS A 26 2.26 0.45 2.43
CA CYS A 26 0.91 1.09 2.47
C CYS A 26 0.55 1.42 3.92
N MET A 27 0.30 2.67 4.24
CA MET A 27 -0.02 3.00 5.65
C MET A 27 -1.06 4.13 5.75
N PRO A 28 -0.65 5.34 5.40
CA PRO A 28 -1.58 6.51 5.49
C PRO A 28 -2.69 6.41 4.44
N ARG A 29 -3.61 5.49 4.65
CA ARG A 29 -4.77 5.24 3.71
C ARG A 29 -4.89 6.31 2.62
N GLY A 1 1.33 -5.98 -7.59
CA GLY A 1 0.75 -7.10 -6.79
C GLY A 1 -0.11 -6.52 -5.66
N CYS A 2 -1.37 -6.89 -5.61
CA CYS A 2 -2.27 -6.35 -4.53
C CYS A 2 -1.84 -6.85 -3.14
N LYS A 3 -1.66 -5.95 -2.20
CA LYS A 3 -1.25 -6.36 -0.82
C LYS A 3 -2.02 -5.57 0.24
N LEU A 4 -1.75 -5.85 1.48
CA LEU A 4 -2.45 -5.14 2.59
C LEU A 4 -1.72 -3.82 2.91
N THR A 5 -1.85 -3.33 4.11
CA THR A 5 -1.19 -2.04 4.49
C THR A 5 0.35 -2.16 4.53
N PHE A 6 0.92 -2.72 5.56
CA PHE A 6 2.41 -2.81 5.64
C PHE A 6 3.00 -3.85 4.67
N TRP A 7 2.53 -3.88 3.45
CA TRP A 7 3.08 -4.83 2.46
C TRP A 7 3.87 -4.04 1.42
N LYS A 8 5.18 -4.21 1.36
CA LYS A 8 6.04 -3.44 0.40
C LYS A 8 5.28 -3.14 -0.90
N CYS A 9 4.82 -1.93 -1.07
CA CYS A 9 4.06 -1.59 -2.31
C CYS A 9 4.87 -0.65 -3.21
N LYS A 10 4.63 -0.71 -4.49
CA LYS A 10 5.35 0.18 -5.44
C LYS A 10 4.56 1.49 -5.59
N ASN A 11 3.25 1.40 -5.59
CA ASN A 11 2.41 2.63 -5.71
C ASN A 11 1.23 2.57 -4.73
N LYS A 12 0.29 3.47 -4.89
CA LYS A 12 -0.90 3.53 -3.97
C LYS A 12 -1.94 2.43 -4.28
N LYS A 13 -2.41 2.35 -5.50
CA LYS A 13 -3.43 1.29 -5.85
C LYS A 13 -2.86 -0.13 -5.65
N GLU A 14 -1.57 -0.27 -5.47
CA GLU A 14 -0.96 -1.61 -5.27
C GLU A 14 -1.52 -2.28 -3.99
N CYS A 15 -2.05 -1.51 -3.07
CA CYS A 15 -2.61 -2.12 -1.81
C CYS A 15 -4.09 -2.47 -2.03
N CYS A 16 -4.47 -3.72 -1.82
CA CYS A 16 -5.90 -4.13 -1.98
C CYS A 16 -6.79 -3.22 -1.17
N GLY A 17 -6.50 -3.04 0.10
CA GLY A 17 -7.31 -2.14 0.95
C GLY A 17 -6.90 -0.72 0.62
N TRP A 18 -7.70 -0.03 -0.17
CA TRP A 18 -7.36 1.37 -0.58
C TRP A 18 -6.58 2.11 0.50
N ASN A 19 -5.28 2.19 0.33
CA ASN A 19 -4.39 2.86 1.31
C ASN A 19 -3.33 3.67 0.54
N ALA A 20 -2.37 4.24 1.22
CA ALA A 20 -1.34 5.04 0.51
C ALA A 20 0.06 4.43 0.68
N CYS A 21 0.76 4.22 -0.39
CA CYS A 21 2.15 3.67 -0.29
C CYS A 21 3.06 4.84 0.09
N ALA A 22 3.21 5.10 1.36
CA ALA A 22 4.03 6.28 1.80
C ALA A 22 5.34 5.86 2.48
N LEU A 23 5.25 5.26 3.64
CA LEU A 23 6.51 4.86 4.38
C LEU A 23 7.11 3.59 3.76
N GLY A 24 7.29 3.57 2.46
CA GLY A 24 7.86 2.36 1.79
C GLY A 24 6.80 1.25 1.76
N ILE A 25 5.60 1.52 2.25
CA ILE A 25 4.51 0.50 2.26
C ILE A 25 3.16 1.22 2.30
N CYS A 26 2.09 0.48 2.38
CA CYS A 26 0.74 1.14 2.44
C CYS A 26 0.44 1.49 3.90
N MET A 27 0.25 2.74 4.22
CA MET A 27 -0.03 3.09 5.64
C MET A 27 -1.07 4.22 5.78
N PRO A 28 -0.70 5.42 5.38
CA PRO A 28 -1.61 6.58 5.54
C PRO A 28 -2.76 6.57 4.51
N ARG A 29 -3.85 5.97 4.87
CA ARG A 29 -5.04 5.92 3.96
C ARG A 29 -5.57 7.35 3.71
N GLY A 1 -5.38 -9.28 -6.99
CA GLY A 1 -3.90 -9.33 -6.85
C GLY A 1 -3.39 -8.01 -6.27
N CYS A 2 -3.02 -7.99 -5.02
CA CYS A 2 -2.53 -6.73 -4.38
C CYS A 2 -2.01 -7.05 -2.97
N LYS A 3 -1.49 -6.07 -2.27
CA LYS A 3 -0.98 -6.34 -0.88
C LYS A 3 -1.86 -5.64 0.16
N LEU A 4 -1.57 -5.82 1.42
CA LEU A 4 -2.39 -5.18 2.50
C LEU A 4 -1.82 -3.81 2.87
N THR A 5 -1.63 -3.53 4.15
CA THR A 5 -1.10 -2.20 4.56
C THR A 5 0.44 -2.21 4.64
N PHE A 6 1.01 -2.85 5.63
CA PHE A 6 2.50 -2.86 5.76
C PHE A 6 3.15 -3.81 4.73
N TRP A 7 2.66 -3.86 3.53
CA TRP A 7 3.28 -4.74 2.50
C TRP A 7 4.12 -3.86 1.59
N LYS A 8 5.40 -4.13 1.46
CA LYS A 8 6.28 -3.28 0.61
C LYS A 8 5.62 -3.01 -0.74
N CYS A 9 5.03 -1.85 -0.89
CA CYS A 9 4.34 -1.50 -2.17
C CYS A 9 5.07 -0.37 -2.89
N LYS A 10 4.76 -0.15 -4.14
CA LYS A 10 5.43 0.95 -4.91
C LYS A 10 4.41 2.05 -5.24
N ASN A 11 3.25 1.69 -5.71
CA ASN A 11 2.23 2.72 -6.05
C ASN A 11 1.02 2.60 -5.10
N LYS A 12 0.42 3.69 -4.74
CA LYS A 12 -0.76 3.67 -3.80
C LYS A 12 -1.91 2.82 -4.35
N LYS A 13 -1.96 2.56 -5.63
CA LYS A 13 -3.10 1.76 -6.19
C LYS A 13 -2.80 0.25 -6.19
N GLU A 14 -1.74 -0.21 -5.55
CA GLU A 14 -1.45 -1.68 -5.55
C GLU A 14 -1.92 -2.36 -4.24
N CYS A 15 -2.28 -1.59 -3.24
CA CYS A 15 -2.74 -2.22 -1.96
C CYS A 15 -4.19 -2.72 -2.11
N CYS A 16 -4.50 -3.88 -1.58
CA CYS A 16 -5.90 -4.42 -1.68
C CYS A 16 -6.86 -3.42 -1.02
N GLY A 17 -6.62 -3.10 0.23
CA GLY A 17 -7.49 -2.10 0.91
C GLY A 17 -6.96 -0.72 0.54
N TRP A 18 -7.60 -0.06 -0.38
CA TRP A 18 -7.15 1.30 -0.86
C TRP A 18 -6.45 2.11 0.26
N ASN A 19 -5.16 1.95 0.35
CA ASN A 19 -4.36 2.71 1.38
C ASN A 19 -3.34 3.56 0.64
N ALA A 20 -2.39 4.14 1.31
CA ALA A 20 -1.39 4.98 0.60
C ALA A 20 0.02 4.41 0.72
N CYS A 21 0.72 4.31 -0.38
CA CYS A 21 2.12 3.80 -0.33
C CYS A 21 3.01 4.96 0.11
N ALA A 22 3.25 5.08 1.40
CA ALA A 22 4.07 6.22 1.89
C ALA A 22 5.41 5.74 2.47
N LEU A 23 5.42 5.23 3.67
CA LEU A 23 6.70 4.78 4.30
C LEU A 23 7.16 3.44 3.69
N GLY A 24 7.27 3.38 2.39
CA GLY A 24 7.71 2.10 1.73
C GLY A 24 6.61 1.04 1.84
N ILE A 25 5.42 1.42 2.27
CA ILE A 25 4.32 0.43 2.40
C ILE A 25 2.97 1.13 2.27
N CYS A 26 1.90 0.38 2.30
CA CYS A 26 0.54 1.00 2.21
C CYS A 26 0.09 1.41 3.63
N MET A 27 0.09 2.67 3.99
CA MET A 27 -0.32 3.01 5.38
C MET A 27 -1.18 4.29 5.47
N PRO A 28 -0.55 5.44 5.42
CA PRO A 28 -1.30 6.73 5.55
C PRO A 28 -2.16 6.99 4.33
N ARG A 29 -3.28 6.30 4.22
CA ARG A 29 -4.21 6.48 3.06
C ARG A 29 -4.51 7.95 2.78
N GLY A 1 -5.22 -9.59 -6.40
CA GLY A 1 -3.75 -9.59 -6.68
C GLY A 1 -3.13 -8.27 -6.20
N CYS A 2 -2.83 -8.16 -4.93
CA CYS A 2 -2.25 -6.88 -4.40
C CYS A 2 -1.70 -7.12 -2.98
N LYS A 3 -1.34 -6.07 -2.27
CA LYS A 3 -0.79 -6.26 -0.88
C LYS A 3 -1.67 -5.55 0.15
N LEU A 4 -1.43 -5.84 1.40
CA LEU A 4 -2.22 -5.19 2.50
C LEU A 4 -1.57 -3.85 2.90
N THR A 5 -1.72 -3.44 4.13
CA THR A 5 -1.13 -2.14 4.58
C THR A 5 0.41 -2.22 4.71
N PHE A 6 0.91 -2.90 5.71
CA PHE A 6 2.40 -2.98 5.90
C PHE A 6 3.08 -3.87 4.85
N TRP A 7 2.61 -3.88 3.62
CA TRP A 7 3.30 -4.70 2.60
C TRP A 7 4.12 -3.77 1.71
N LYS A 8 5.38 -4.07 1.49
CA LYS A 8 6.22 -3.18 0.65
C LYS A 8 5.55 -2.96 -0.72
N CYS A 9 4.91 -1.83 -0.89
CA CYS A 9 4.20 -1.54 -2.17
C CYS A 9 4.98 -0.50 -2.98
N LYS A 10 4.66 -0.38 -4.24
CA LYS A 10 5.35 0.62 -5.12
C LYS A 10 4.39 1.74 -5.51
N ASN A 11 3.15 1.40 -5.79
CA ASN A 11 2.15 2.44 -6.19
C ASN A 11 0.99 2.46 -5.20
N LYS A 12 0.46 3.63 -4.95
CA LYS A 12 -0.68 3.78 -3.96
C LYS A 12 -1.88 2.91 -4.35
N LYS A 13 -2.19 2.82 -5.61
CA LYS A 13 -3.37 1.99 -6.02
C LYS A 13 -3.00 0.50 -6.13
N GLU A 14 -1.91 0.06 -5.53
CA GLU A 14 -1.54 -1.38 -5.62
C GLU A 14 -1.97 -2.12 -4.32
N CYS A 15 -2.23 -1.41 -3.25
CA CYS A 15 -2.65 -2.09 -1.98
C CYS A 15 -4.09 -2.60 -2.13
N CYS A 16 -4.39 -3.77 -1.63
CA CYS A 16 -5.78 -4.32 -1.76
C CYS A 16 -6.77 -3.36 -1.11
N GLY A 17 -6.65 -3.15 0.16
CA GLY A 17 -7.57 -2.18 0.84
C GLY A 17 -7.08 -0.79 0.51
N TRP A 18 -7.74 -0.10 -0.40
CA TRP A 18 -7.33 1.28 -0.82
C TRP A 18 -6.53 2.01 0.27
N ASN A 19 -5.23 1.89 0.21
CA ASN A 19 -4.35 2.55 1.22
C ASN A 19 -3.39 3.50 0.50
N ALA A 20 -2.44 4.05 1.20
CA ALA A 20 -1.48 4.98 0.56
C ALA A 20 -0.06 4.45 0.70
N CYS A 21 0.67 4.37 -0.39
CA CYS A 21 2.08 3.89 -0.29
C CYS A 21 2.95 5.05 0.18
N ALA A 22 3.36 5.03 1.42
CA ALA A 22 4.17 6.16 1.96
C ALA A 22 5.51 5.68 2.50
N LEU A 23 5.54 5.20 3.72
CA LEU A 23 6.83 4.73 4.33
C LEU A 23 7.27 3.40 3.69
N GLY A 24 7.33 3.33 2.38
CA GLY A 24 7.74 2.06 1.71
C GLY A 24 6.63 1.01 1.85
N ILE A 25 5.47 1.40 2.30
CA ILE A 25 4.34 0.42 2.47
C ILE A 25 2.99 1.13 2.33
N CYS A 26 1.91 0.40 2.44
CA CYS A 26 0.57 1.03 2.34
C CYS A 26 0.10 1.41 3.75
N MET A 27 0.02 2.68 4.09
CA MET A 27 -0.41 3.02 5.49
C MET A 27 -1.21 4.33 5.59
N PRO A 28 -0.53 5.45 5.49
CA PRO A 28 -1.21 6.78 5.63
C PRO A 28 -2.15 7.07 4.44
N ARG A 29 -3.29 6.42 4.43
CA ARG A 29 -4.30 6.64 3.33
C ARG A 29 -4.66 8.13 3.22
N GLY A 1 -0.56 -10.79 -5.82
CA GLY A 1 -1.34 -9.68 -6.45
C GLY A 1 -1.35 -8.46 -5.52
N CYS A 2 -2.51 -7.96 -5.20
CA CYS A 2 -2.59 -6.76 -4.29
C CYS A 2 -2.09 -7.13 -2.89
N LYS A 3 -1.68 -6.16 -2.11
CA LYS A 3 -1.20 -6.46 -0.72
C LYS A 3 -1.99 -5.66 0.31
N LEU A 4 -1.62 -5.79 1.56
CA LEU A 4 -2.34 -5.06 2.65
C LEU A 4 -1.63 -3.71 2.93
N THR A 5 -1.49 -3.35 4.17
CA THR A 5 -0.84 -2.05 4.53
C THR A 5 0.69 -2.17 4.55
N PHE A 6 1.26 -2.78 5.57
CA PHE A 6 2.75 -2.90 5.64
C PHE A 6 3.31 -3.92 4.64
N TRP A 7 2.76 -3.99 3.45
CA TRP A 7 3.29 -4.92 2.43
C TRP A 7 4.07 -4.10 1.42
N LYS A 8 5.38 -4.28 1.35
CA LYS A 8 6.23 -3.48 0.41
C LYS A 8 5.47 -3.16 -0.89
N CYS A 9 5.00 -1.95 -1.02
CA CYS A 9 4.24 -1.57 -2.24
C CYS A 9 4.96 -0.47 -3.02
N LYS A 10 4.72 -0.39 -4.30
CA LYS A 10 5.37 0.65 -5.15
C LYS A 10 4.39 1.79 -5.44
N ASN A 11 3.13 1.48 -5.63
CA ASN A 11 2.14 2.58 -5.94
C ASN A 11 0.95 2.50 -4.97
N LYS A 12 0.35 3.63 -4.67
CA LYS A 12 -0.80 3.65 -3.71
C LYS A 12 -1.93 2.69 -4.18
N LYS A 13 -2.07 2.49 -5.46
CA LYS A 13 -3.14 1.55 -5.94
C LYS A 13 -2.64 0.08 -5.89
N GLU A 14 -1.55 -0.17 -5.21
CA GLU A 14 -1.01 -1.57 -5.11
C GLU A 14 -1.63 -2.30 -3.90
N CYS A 15 -2.11 -1.57 -2.92
CA CYS A 15 -2.73 -2.23 -1.73
C CYS A 15 -4.17 -2.60 -2.07
N CYS A 16 -4.60 -3.80 -1.74
CA CYS A 16 -6.00 -4.21 -2.07
C CYS A 16 -7.01 -3.23 -1.47
N GLY A 17 -6.97 -3.04 -0.18
CA GLY A 17 -7.91 -2.07 0.46
C GLY A 17 -7.35 -0.67 0.23
N TRP A 18 -7.91 0.05 -0.72
CA TRP A 18 -7.45 1.45 -1.05
C TRP A 18 -6.66 2.07 0.10
N ASN A 19 -5.36 2.08 -0.03
CA ASN A 19 -4.49 2.65 1.05
C ASN A 19 -3.38 3.49 0.41
N ALA A 20 -2.68 4.29 1.19
CA ALA A 20 -1.60 5.14 0.61
C ALA A 20 -0.23 4.53 0.83
N CYS A 21 0.55 4.43 -0.22
CA CYS A 21 1.94 3.91 -0.07
C CYS A 21 2.83 5.08 0.32
N ALA A 22 3.29 5.11 1.54
CA ALA A 22 4.12 6.28 1.99
C ALA A 22 5.47 5.83 2.57
N LEU A 23 5.46 5.27 3.75
CA LEU A 23 6.75 4.84 4.39
C LEU A 23 7.27 3.55 3.71
N GLY A 24 7.41 3.56 2.41
CA GLY A 24 7.91 2.34 1.70
C GLY A 24 6.83 1.24 1.70
N ILE A 25 5.65 1.53 2.21
CA ILE A 25 4.57 0.50 2.25
C ILE A 25 3.21 1.21 2.26
N CYS A 26 2.14 0.44 2.32
CA CYS A 26 0.78 1.06 2.36
C CYS A 26 0.46 1.43 3.82
N MET A 27 0.18 2.66 4.12
CA MET A 27 -0.12 3.02 5.55
C MET A 27 -1.08 4.23 5.70
N PRO A 28 -0.58 5.42 5.47
CA PRO A 28 -1.41 6.65 5.65
C PRO A 28 -2.47 6.82 4.55
N ARG A 29 -3.47 5.98 4.56
CA ARG A 29 -4.57 6.09 3.53
C ARG A 29 -5.39 7.37 3.75
N GLY A 1 -0.43 -9.03 -7.72
CA GLY A 1 -1.71 -9.03 -6.94
C GLY A 1 -1.72 -7.82 -5.99
N CYS A 2 -2.70 -7.74 -5.12
CA CYS A 2 -2.76 -6.59 -4.17
C CYS A 2 -2.10 -6.95 -2.84
N LYS A 3 -1.73 -5.97 -2.05
CA LYS A 3 -1.10 -6.27 -0.72
C LYS A 3 -1.88 -5.58 0.40
N LEU A 4 -1.58 -5.89 1.63
CA LEU A 4 -2.28 -5.26 2.78
C LEU A 4 -1.65 -3.88 3.08
N THR A 5 -1.55 -3.51 4.32
CA THR A 5 -0.96 -2.18 4.65
C THR A 5 0.58 -2.25 4.69
N PHE A 6 1.14 -2.90 5.67
CA PHE A 6 2.63 -2.97 5.75
C PHE A 6 3.26 -3.92 4.70
N TRP A 7 2.72 -3.97 3.51
CA TRP A 7 3.32 -4.84 2.47
C TRP A 7 4.12 -3.96 1.51
N LYS A 8 5.40 -4.23 1.37
CA LYS A 8 6.27 -3.40 0.47
C LYS A 8 5.55 -3.05 -0.84
N CYS A 9 5.07 -1.83 -0.94
CA CYS A 9 4.35 -1.42 -2.18
C CYS A 9 5.17 -0.40 -2.99
N LYS A 10 4.80 -0.20 -4.23
CA LYS A 10 5.51 0.79 -5.09
C LYS A 10 4.52 1.92 -5.46
N ASN A 11 3.24 1.63 -5.47
CA ASN A 11 2.22 2.67 -5.81
C ASN A 11 1.15 2.67 -4.71
N LYS A 12 0.30 3.67 -4.67
CA LYS A 12 -0.75 3.71 -3.61
C LYS A 12 -1.95 2.84 -3.99
N LYS A 13 -2.29 2.78 -5.26
CA LYS A 13 -3.47 1.95 -5.68
C LYS A 13 -3.09 0.46 -5.85
N GLU A 14 -1.95 0.03 -5.37
CA GLU A 14 -1.59 -1.42 -5.50
C GLU A 14 -2.02 -2.19 -4.26
N CYS A 15 -2.27 -1.51 -3.16
CA CYS A 15 -2.71 -2.23 -1.93
C CYS A 15 -4.14 -2.73 -2.15
N CYS A 16 -4.52 -3.84 -1.55
CA CYS A 16 -5.92 -4.35 -1.74
C CYS A 16 -6.91 -3.33 -1.19
N GLY A 17 -6.88 -3.07 0.10
CA GLY A 17 -7.79 -2.06 0.66
C GLY A 17 -7.20 -0.69 0.33
N TRP A 18 -7.80 0.01 -0.61
CA TRP A 18 -7.28 1.36 -1.07
C TRP A 18 -6.42 2.02 0.02
N ASN A 19 -5.14 1.82 -0.06
CA ASN A 19 -4.22 2.41 0.96
C ASN A 19 -3.31 3.43 0.27
N ALA A 20 -2.18 3.73 0.87
CA ALA A 20 -1.23 4.70 0.25
C ALA A 20 0.21 4.24 0.48
N CYS A 21 0.97 4.15 -0.57
CA CYS A 21 2.38 3.73 -0.43
C CYS A 21 3.20 4.91 0.05
N ALA A 22 3.25 5.13 1.34
CA ALA A 22 4.00 6.31 1.88
C ALA A 22 5.32 5.89 2.55
N LEU A 23 5.25 5.31 3.72
CA LEU A 23 6.49 4.89 4.44
C LEU A 23 7.07 3.61 3.83
N GLY A 24 7.23 3.59 2.53
CA GLY A 24 7.78 2.36 1.87
C GLY A 24 6.74 1.23 1.90
N ILE A 25 5.53 1.52 2.33
CA ILE A 25 4.47 0.46 2.40
C ILE A 25 3.08 1.11 2.29
N CYS A 26 2.03 0.32 2.35
CA CYS A 26 0.66 0.91 2.28
C CYS A 26 0.22 1.32 3.69
N MET A 27 0.14 2.59 3.99
CA MET A 27 -0.26 2.97 5.37
C MET A 27 -1.18 4.21 5.40
N PRO A 28 -0.62 5.40 5.35
CA PRO A 28 -1.45 6.64 5.41
C PRO A 28 -2.21 6.84 4.10
N ARG A 29 -3.36 6.21 3.99
CA ARG A 29 -4.18 6.33 2.74
C ARG A 29 -4.45 7.80 2.39
N GLY A 1 -3.37 -9.15 -8.31
CA GLY A 1 -2.16 -8.95 -7.45
C GLY A 1 -2.31 -7.66 -6.65
N CYS A 2 -2.22 -7.74 -5.34
CA CYS A 2 -2.37 -6.52 -4.49
C CYS A 2 -1.98 -6.85 -3.04
N LYS A 3 -1.62 -5.87 -2.25
CA LYS A 3 -1.24 -6.17 -0.83
C LYS A 3 -2.15 -5.41 0.16
N LEU A 4 -1.77 -5.43 1.43
CA LEU A 4 -2.59 -4.73 2.47
C LEU A 4 -1.88 -3.40 2.87
N THR A 5 -1.65 -3.17 4.14
CA THR A 5 -0.98 -1.90 4.56
C THR A 5 0.53 -2.09 4.64
N PHE A 6 1.01 -2.74 5.66
CA PHE A 6 2.50 -2.94 5.82
C PHE A 6 3.05 -3.98 4.83
N TRP A 7 2.59 -3.96 3.61
CA TRP A 7 3.12 -4.90 2.60
C TRP A 7 4.00 -4.11 1.63
N LYS A 8 5.27 -4.38 1.58
CA LYS A 8 6.20 -3.60 0.68
C LYS A 8 5.50 -3.30 -0.65
N CYS A 9 5.03 -2.11 -0.82
CA CYS A 9 4.32 -1.74 -2.08
C CYS A 9 5.03 -0.57 -2.78
N LYS A 10 4.78 -0.40 -4.04
CA LYS A 10 5.42 0.71 -4.80
C LYS A 10 4.37 1.75 -5.23
N ASN A 11 3.14 1.35 -5.45
CA ASN A 11 2.09 2.31 -5.88
C ASN A 11 0.98 2.41 -4.83
N LYS A 12 0.34 3.53 -4.72
CA LYS A 12 -0.76 3.66 -3.72
C LYS A 12 -2.04 2.93 -4.21
N LYS A 13 -2.16 2.67 -5.49
CA LYS A 13 -3.39 1.96 -5.97
C LYS A 13 -3.15 0.45 -6.12
N GLU A 14 -1.97 -0.04 -5.82
CA GLU A 14 -1.74 -1.51 -5.94
C GLU A 14 -2.13 -2.24 -4.65
N CYS A 15 -2.35 -1.53 -3.56
CA CYS A 15 -2.76 -2.23 -2.30
C CYS A 15 -4.25 -2.60 -2.38
N CYS A 16 -4.59 -3.84 -2.16
CA CYS A 16 -6.03 -4.26 -2.24
C CYS A 16 -6.90 -3.47 -1.25
N GLY A 17 -6.47 -3.37 -0.02
CA GLY A 17 -7.25 -2.60 0.98
C GLY A 17 -6.96 -1.12 0.77
N TRP A 18 -7.53 -0.53 -0.28
CA TRP A 18 -7.32 0.92 -0.63
C TRP A 18 -6.51 1.66 0.43
N ASN A 19 -5.22 1.79 0.23
CA ASN A 19 -4.34 2.48 1.21
C ASN A 19 -3.30 3.33 0.48
N ALA A 20 -2.59 4.16 1.17
CA ALA A 20 -1.56 5.02 0.50
C ALA A 20 -0.15 4.49 0.74
N CYS A 21 0.57 4.24 -0.32
CA CYS A 21 1.98 3.75 -0.16
C CYS A 21 2.86 4.97 0.15
N ALA A 22 3.34 5.06 1.34
CA ALA A 22 4.16 6.25 1.72
C ALA A 22 5.49 5.83 2.37
N LEU A 23 5.45 5.35 3.59
CA LEU A 23 6.72 4.97 4.30
C LEU A 23 7.26 3.64 3.75
N GLY A 24 7.49 3.57 2.46
CA GLY A 24 8.02 2.30 1.85
C GLY A 24 6.93 1.20 1.86
N ILE A 25 5.74 1.51 2.33
CA ILE A 25 4.64 0.49 2.38
C ILE A 25 3.31 1.22 2.33
N CYS A 26 2.21 0.51 2.43
CA CYS A 26 0.89 1.21 2.45
C CYS A 26 0.60 1.59 3.91
N MET A 27 0.36 2.85 4.17
CA MET A 27 0.10 3.25 5.59
C MET A 27 -0.91 4.40 5.71
N PRO A 28 -0.49 5.62 5.38
CA PRO A 28 -1.39 6.80 5.49
C PRO A 28 -2.46 6.80 4.38
N ARG A 29 -3.39 5.87 4.43
CA ARG A 29 -4.46 5.78 3.39
C ARG A 29 -5.25 7.09 3.29
N GLY A 1 -2.42 -9.12 -8.74
CA GLY A 1 -2.71 -9.24 -7.28
C GLY A 1 -2.45 -7.90 -6.59
N CYS A 2 -2.37 -7.90 -5.28
CA CYS A 2 -2.11 -6.64 -4.53
C CYS A 2 -1.72 -6.94 -3.08
N LYS A 3 -1.34 -5.95 -2.31
CA LYS A 3 -0.96 -6.22 -0.88
C LYS A 3 -1.89 -5.48 0.09
N LEU A 4 -1.67 -5.66 1.37
CA LEU A 4 -2.53 -4.99 2.40
C LEU A 4 -1.92 -3.62 2.78
N THR A 5 -1.78 -3.31 4.05
CA THR A 5 -1.22 -1.98 4.46
C THR A 5 0.31 -2.07 4.62
N PHE A 6 0.79 -2.72 5.66
CA PHE A 6 2.28 -2.82 5.88
C PHE A 6 2.96 -3.80 4.90
N TRP A 7 2.55 -3.81 3.66
CA TRP A 7 3.20 -4.70 2.67
C TRP A 7 4.06 -3.85 1.74
N LYS A 8 5.33 -4.16 1.63
CA LYS A 8 6.24 -3.36 0.76
C LYS A 8 5.58 -3.12 -0.60
N CYS A 9 5.01 -1.96 -0.79
CA CYS A 9 4.33 -1.66 -2.09
C CYS A 9 5.03 -0.53 -2.86
N LYS A 10 4.52 -0.19 -4.02
CA LYS A 10 5.13 0.90 -4.83
C LYS A 10 4.08 1.99 -5.09
N ASN A 11 2.91 1.59 -5.52
CA ASN A 11 1.82 2.58 -5.79
C ASN A 11 0.74 2.48 -4.70
N LYS A 12 0.05 3.55 -4.44
CA LYS A 12 -1.03 3.52 -3.40
C LYS A 12 -2.22 2.69 -3.87
N LYS A 13 -2.58 2.76 -5.13
CA LYS A 13 -3.73 1.94 -5.61
C LYS A 13 -3.29 0.49 -5.90
N GLU A 14 -2.05 0.15 -5.57
CA GLU A 14 -1.55 -1.24 -5.79
C GLU A 14 -2.02 -2.16 -4.66
N CYS A 15 -2.26 -1.62 -3.50
CA CYS A 15 -2.70 -2.46 -2.35
C CYS A 15 -4.18 -2.85 -2.51
N CYS A 16 -4.58 -3.99 -2.00
CA CYS A 16 -6.02 -4.41 -2.13
C CYS A 16 -6.90 -3.42 -1.37
N GLY A 17 -6.71 -3.31 -0.08
CA GLY A 17 -7.52 -2.35 0.71
C GLY A 17 -6.94 -0.96 0.47
N TRP A 18 -7.57 -0.17 -0.37
CA TRP A 18 -7.05 1.20 -0.72
C TRP A 18 -6.17 1.78 0.39
N ASN A 19 -4.88 1.66 0.23
CA ASN A 19 -3.92 2.18 1.24
C ASN A 19 -2.83 2.98 0.52
N ALA A 20 -2.43 4.09 1.06
CA ALA A 20 -1.38 4.90 0.38
C ALA A 20 0.02 4.33 0.63
N CYS A 21 0.75 4.03 -0.42
CA CYS A 21 2.14 3.50 -0.24
C CYS A 21 3.05 4.70 0.05
N ALA A 22 3.39 4.92 1.30
CA ALA A 22 4.23 6.10 1.64
C ALA A 22 5.56 5.69 2.30
N LEU A 23 5.52 5.31 3.55
CA LEU A 23 6.79 4.92 4.25
C LEU A 23 7.29 3.55 3.78
N GLY A 24 7.49 3.38 2.49
CA GLY A 24 7.98 2.05 1.97
C GLY A 24 6.85 1.02 2.04
N ILE A 25 5.68 1.41 2.48
CA ILE A 25 4.54 0.45 2.57
C ILE A 25 3.21 1.18 2.41
N CYS A 26 2.11 0.48 2.44
CA CYS A 26 0.79 1.17 2.33
C CYS A 26 0.41 1.62 3.74
N MET A 27 0.29 2.90 3.99
CA MET A 27 -0.02 3.33 5.38
C MET A 27 -0.95 4.58 5.44
N PRO A 28 -0.40 5.76 5.23
CA PRO A 28 -1.21 7.01 5.31
C PRO A 28 -2.16 7.17 4.12
N ARG A 29 -3.26 6.45 4.13
CA ARG A 29 -4.26 6.53 3.01
C ARG A 29 -4.61 8.00 2.69
N GLY A 1 -1.72 -8.11 -8.94
CA GLY A 1 -2.29 -8.60 -7.66
C GLY A 1 -2.46 -7.42 -6.70
N CYS A 2 -2.47 -7.67 -5.41
CA CYS A 2 -2.63 -6.55 -4.44
C CYS A 2 -2.10 -6.95 -3.05
N LYS A 3 -1.71 -6.00 -2.26
CA LYS A 3 -1.19 -6.32 -0.88
C LYS A 3 -2.05 -5.61 0.18
N LEU A 4 -1.69 -5.72 1.43
CA LEU A 4 -2.49 -5.08 2.52
C LEU A 4 -1.88 -3.70 2.87
N THR A 5 -1.62 -3.43 4.13
CA THR A 5 -1.06 -2.10 4.52
C THR A 5 0.48 -2.14 4.54
N PHE A 6 1.08 -2.69 5.56
CA PHE A 6 2.58 -2.72 5.61
C PHE A 6 3.16 -3.76 4.64
N TRP A 7 2.64 -3.86 3.45
CA TRP A 7 3.19 -4.82 2.46
C TRP A 7 4.00 -4.01 1.44
N LYS A 8 5.31 -4.19 1.44
CA LYS A 8 6.20 -3.41 0.49
C LYS A 8 5.44 -3.13 -0.82
N CYS A 9 4.97 -1.92 -0.97
CA CYS A 9 4.19 -1.59 -2.20
C CYS A 9 4.92 -0.59 -3.09
N LYS A 10 4.57 -0.57 -4.35
CA LYS A 10 5.22 0.37 -5.31
C LYS A 10 4.29 1.57 -5.54
N ASN A 11 3.05 1.32 -5.83
CA ASN A 11 2.08 2.44 -6.04
C ASN A 11 0.94 2.33 -5.01
N LYS A 12 0.30 3.43 -4.70
CA LYS A 12 -0.78 3.40 -3.67
C LYS A 12 -1.94 2.45 -4.06
N LYS A 13 -2.26 2.34 -5.33
CA LYS A 13 -3.37 1.42 -5.75
C LYS A 13 -2.91 -0.06 -5.74
N GLU A 14 -1.68 -0.33 -5.35
CA GLU A 14 -1.18 -1.74 -5.32
C GLU A 14 -1.81 -2.50 -4.15
N CYS A 15 -2.10 -1.83 -3.07
CA CYS A 15 -2.71 -2.53 -1.90
C CYS A 15 -4.20 -2.77 -2.17
N CYS A 16 -4.69 -3.97 -1.94
CA CYS A 16 -6.15 -4.27 -2.19
C CYS A 16 -7.00 -3.21 -1.49
N GLY A 17 -6.84 -3.06 -0.20
CA GLY A 17 -7.60 -2.00 0.51
C GLY A 17 -6.91 -0.68 0.14
N TRP A 18 -7.50 0.10 -0.73
CA TRP A 18 -6.88 1.39 -1.19
C TRP A 18 -6.17 2.12 -0.04
N ASN A 19 -4.92 1.81 0.13
CA ASN A 19 -4.10 2.43 1.20
C ASN A 19 -3.14 3.46 0.58
N ALA A 20 -2.40 4.17 1.38
CA ALA A 20 -1.44 5.17 0.82
C ALA A 20 -0.02 4.64 0.95
N CYS A 21 0.67 4.48 -0.14
CA CYS A 21 2.07 3.98 -0.04
C CYS A 21 2.96 5.16 0.35
N ALA A 22 3.31 5.24 1.61
CA ALA A 22 4.13 6.40 2.07
C ALA A 22 5.49 5.95 2.63
N LEU A 23 5.51 5.35 3.80
CA LEU A 23 6.81 4.91 4.39
C LEU A 23 7.32 3.64 3.67
N GLY A 24 7.42 3.68 2.37
CA GLY A 24 7.90 2.48 1.60
C GLY A 24 6.80 1.39 1.60
N ILE A 25 5.66 1.65 2.20
CA ILE A 25 4.57 0.62 2.23
C ILE A 25 3.21 1.33 2.33
N CYS A 26 2.13 0.59 2.41
CA CYS A 26 0.78 1.26 2.54
C CYS A 26 0.53 1.59 4.02
N MET A 27 0.17 2.80 4.33
CA MET A 27 -0.07 3.14 5.78
C MET A 27 -1.05 4.30 5.97
N PRO A 28 -0.67 5.47 5.54
CA PRO A 28 -1.53 6.69 5.71
C PRO A 28 -2.84 6.65 4.90
N ARG A 29 -3.63 5.61 5.03
CA ARG A 29 -4.92 5.52 4.30
C ARG A 29 -5.68 4.25 4.70
N GLY A 1 -2.40 -10.97 -5.52
CA GLY A 1 -1.84 -9.86 -6.35
C GLY A 1 -1.68 -8.61 -5.48
N CYS A 2 -2.76 -7.90 -5.27
CA CYS A 2 -2.69 -6.67 -4.41
C CYS A 2 -2.20 -7.04 -3.00
N LYS A 3 -1.59 -6.12 -2.30
CA LYS A 3 -1.11 -6.43 -0.92
C LYS A 3 -1.93 -5.67 0.13
N LEU A 4 -1.58 -5.82 1.38
CA LEU A 4 -2.32 -5.11 2.45
C LEU A 4 -1.62 -3.77 2.77
N THR A 5 -1.66 -3.34 4.00
CA THR A 5 -1.03 -2.05 4.38
C THR A 5 0.51 -2.19 4.48
N PHE A 6 1.01 -2.84 5.49
CA PHE A 6 2.49 -2.99 5.65
C PHE A 6 3.12 -3.98 4.64
N TRP A 7 2.68 -3.95 3.40
CA TRP A 7 3.28 -4.86 2.38
C TRP A 7 4.08 -4.02 1.40
N LYS A 8 5.39 -4.08 1.46
CA LYS A 8 6.27 -3.26 0.55
C LYS A 8 5.59 -3.02 -0.80
N CYS A 9 4.99 -1.87 -0.96
CA CYS A 9 4.28 -1.57 -2.25
C CYS A 9 5.01 -0.50 -3.06
N LYS A 10 4.59 -0.30 -4.29
CA LYS A 10 5.22 0.73 -5.15
C LYS A 10 4.27 1.92 -5.31
N ASN A 11 3.00 1.67 -5.45
CA ASN A 11 2.01 2.79 -5.62
C ASN A 11 0.82 2.57 -4.67
N LYS A 12 0.04 3.59 -4.42
CA LYS A 12 -1.11 3.45 -3.48
C LYS A 12 -2.11 2.39 -3.99
N LYS A 13 -2.28 2.26 -5.29
CA LYS A 13 -3.22 1.23 -5.82
C LYS A 13 -2.59 -0.18 -5.75
N GLU A 14 -1.41 -0.32 -5.17
CA GLU A 14 -0.77 -1.67 -5.07
C GLU A 14 -1.43 -2.49 -3.95
N CYS A 15 -1.98 -1.84 -2.96
CA CYS A 15 -2.65 -2.62 -1.87
C CYS A 15 -4.15 -2.73 -2.17
N CYS A 16 -4.74 -3.88 -1.91
CA CYS A 16 -6.20 -4.05 -2.21
C CYS A 16 -7.01 -3.03 -1.42
N GLY A 17 -6.85 -2.99 -0.13
CA GLY A 17 -7.60 -1.99 0.68
C GLY A 17 -7.04 -0.61 0.31
N TRP A 18 -7.76 0.15 -0.49
CA TRP A 18 -7.27 1.51 -0.93
C TRP A 18 -6.47 2.21 0.18
N ASN A 19 -5.18 2.11 0.12
CA ASN A 19 -4.30 2.75 1.13
C ASN A 19 -3.20 3.53 0.41
N ALA A 20 -2.41 4.28 1.13
CA ALA A 20 -1.35 5.07 0.46
C ALA A 20 0.03 4.46 0.69
N CYS A 21 0.75 4.17 -0.36
CA CYS A 21 2.12 3.59 -0.21
C CYS A 21 3.07 4.76 0.12
N ALA A 22 3.18 5.11 1.38
CA ALA A 22 4.02 6.29 1.77
C ALA A 22 5.35 5.87 2.43
N LEU A 23 5.29 5.36 3.62
CA LEU A 23 6.55 4.98 4.34
C LEU A 23 7.11 3.66 3.77
N GLY A 24 7.32 3.59 2.48
CA GLY A 24 7.85 2.33 1.87
C GLY A 24 6.78 1.22 1.88
N ILE A 25 5.59 1.53 2.33
CA ILE A 25 4.49 0.51 2.37
C ILE A 25 3.14 1.23 2.31
N CYS A 26 2.06 0.48 2.32
CA CYS A 26 0.73 1.15 2.33
C CYS A 26 0.42 1.51 3.78
N MET A 27 0.32 2.78 4.11
CA MET A 27 0.06 3.14 5.53
C MET A 27 -0.94 4.30 5.66
N PRO A 28 -0.49 5.53 5.53
CA PRO A 28 -1.41 6.69 5.67
C PRO A 28 -2.26 6.92 4.42
N ARG A 29 -3.44 6.37 4.39
CA ARG A 29 -4.36 6.53 3.22
C ARG A 29 -4.65 8.00 2.96
N GLY A 1 -2.34 -8.33 -8.75
CA GLY A 1 -1.52 -8.20 -7.50
C GLY A 1 -2.27 -7.34 -6.49
N CYS A 2 -1.97 -7.49 -5.22
CA CYS A 2 -2.67 -6.69 -4.17
C CYS A 2 -2.06 -6.97 -2.81
N LYS A 3 -1.42 -5.98 -2.20
CA LYS A 3 -0.80 -6.20 -0.86
C LYS A 3 -1.61 -5.52 0.23
N LEU A 4 -1.33 -5.83 1.46
CA LEU A 4 -2.06 -5.21 2.60
C LEU A 4 -1.41 -3.87 2.95
N THR A 5 -1.60 -3.40 4.15
CA THR A 5 -1.01 -2.10 4.56
C THR A 5 0.53 -2.18 4.65
N PHE A 6 1.06 -2.80 5.66
CA PHE A 6 2.55 -2.89 5.82
C PHE A 6 3.21 -3.84 4.82
N TRP A 7 2.73 -3.89 3.60
CA TRP A 7 3.37 -4.78 2.59
C TRP A 7 4.17 -3.92 1.63
N LYS A 8 5.45 -4.18 1.48
CA LYS A 8 6.31 -3.36 0.57
C LYS A 8 5.58 -3.10 -0.76
N CYS A 9 4.98 -1.95 -0.89
CA CYS A 9 4.22 -1.65 -2.14
C CYS A 9 4.92 -0.55 -2.93
N LYS A 10 4.64 -0.46 -4.22
CA LYS A 10 5.26 0.60 -5.05
C LYS A 10 4.20 1.64 -5.45
N ASN A 11 2.95 1.24 -5.53
CA ASN A 11 1.88 2.22 -5.90
C ASN A 11 0.75 2.22 -4.87
N LYS A 12 0.21 3.36 -4.58
CA LYS A 12 -0.92 3.42 -3.60
C LYS A 12 -2.16 2.73 -4.18
N LYS A 13 -2.24 2.59 -5.49
CA LYS A 13 -3.43 1.93 -6.10
C LYS A 13 -3.21 0.40 -6.27
N GLU A 14 -2.05 -0.11 -5.93
CA GLU A 14 -1.84 -1.59 -6.08
C GLU A 14 -1.97 -2.32 -4.72
N CYS A 15 -2.38 -1.62 -3.69
CA CYS A 15 -2.55 -2.27 -2.35
C CYS A 15 -4.04 -2.60 -2.13
N CYS A 16 -4.34 -3.69 -1.48
CA CYS A 16 -5.77 -4.04 -1.21
C CYS A 16 -6.38 -3.01 -0.26
N GLY A 17 -7.63 -2.68 -0.44
CA GLY A 17 -8.25 -1.65 0.45
C GLY A 17 -7.56 -0.32 0.20
N TRP A 18 -7.56 0.13 -1.04
CA TRP A 18 -6.89 1.42 -1.47
C TRP A 18 -6.16 2.12 -0.32
N ASN A 19 -5.02 1.59 0.05
CA ASN A 19 -4.20 2.20 1.15
C ASN A 19 -3.08 3.06 0.55
N ALA A 20 -2.71 4.13 1.20
CA ALA A 20 -1.64 5.00 0.65
C ALA A 20 -0.24 4.39 0.84
N CYS A 21 0.52 4.31 -0.21
CA CYS A 21 1.90 3.77 -0.10
C CYS A 21 2.81 4.95 0.29
N ALA A 22 3.24 5.02 1.53
CA ALA A 22 4.05 6.20 1.97
C ALA A 22 5.42 5.79 2.54
N LEU A 23 5.46 5.27 3.75
CA LEU A 23 6.76 4.91 4.37
C LEU A 23 7.32 3.61 3.75
N GLY A 24 7.45 3.55 2.44
CA GLY A 24 7.96 2.30 1.80
C GLY A 24 6.90 1.20 1.86
N ILE A 25 5.71 1.51 2.33
CA ILE A 25 4.63 0.49 2.41
C ILE A 25 3.27 1.19 2.33
N CYS A 26 2.19 0.46 2.46
CA CYS A 26 0.84 1.11 2.40
C CYS A 26 0.38 1.41 3.83
N MET A 27 0.18 2.67 4.17
CA MET A 27 -0.25 2.97 5.58
C MET A 27 -1.13 4.23 5.71
N PRO A 28 -0.53 5.39 5.59
CA PRO A 28 -1.29 6.67 5.77
C PRO A 28 -2.27 6.93 4.62
N ARG A 29 -3.30 6.13 4.51
CA ARG A 29 -4.32 6.34 3.42
C ARG A 29 -4.97 7.72 3.60
N GLY A 1 -2.28 -9.00 -8.51
CA GLY A 1 -1.23 -8.70 -7.51
C GLY A 1 -1.71 -7.60 -6.56
N CYS A 2 -2.10 -7.96 -5.36
CA CYS A 2 -2.59 -6.92 -4.39
C CYS A 2 -2.07 -7.26 -2.99
N LYS A 3 -1.67 -6.27 -2.22
CA LYS A 3 -1.14 -6.54 -0.85
C LYS A 3 -1.92 -5.74 0.19
N LEU A 4 -1.60 -5.91 1.45
CA LEU A 4 -2.33 -5.16 2.51
C LEU A 4 -1.61 -3.83 2.80
N THR A 5 -1.58 -3.41 4.03
CA THR A 5 -0.93 -2.10 4.37
C THR A 5 0.59 -2.26 4.45
N PHE A 6 1.09 -2.90 5.48
CA PHE A 6 2.58 -3.07 5.64
C PHE A 6 3.19 -4.02 4.61
N TRP A 7 2.72 -3.98 3.39
CA TRP A 7 3.32 -4.85 2.34
C TRP A 7 4.14 -3.97 1.41
N LYS A 8 5.44 -4.09 1.44
CA LYS A 8 6.33 -3.22 0.60
C LYS A 8 5.71 -2.99 -0.79
N CYS A 9 5.10 -1.85 -0.99
CA CYS A 9 4.46 -1.55 -2.31
C CYS A 9 5.14 -0.34 -2.98
N LYS A 10 4.82 -0.10 -4.22
CA LYS A 10 5.43 1.06 -4.93
C LYS A 10 4.38 2.13 -5.24
N ASN A 11 3.11 1.76 -5.31
CA ASN A 11 2.05 2.78 -5.62
C ASN A 11 0.81 2.58 -4.75
N LYS A 12 0.00 3.61 -4.61
CA LYS A 12 -1.24 3.53 -3.78
C LYS A 12 -2.20 2.44 -4.29
N LYS A 13 -2.24 2.19 -5.57
CA LYS A 13 -3.14 1.12 -6.09
C LYS A 13 -2.46 -0.26 -6.00
N GLU A 14 -1.43 -0.39 -5.21
CA GLU A 14 -0.72 -1.70 -5.09
C GLU A 14 -1.31 -2.50 -3.92
N CYS A 15 -1.93 -1.86 -2.96
CA CYS A 15 -2.51 -2.64 -1.82
C CYS A 15 -4.04 -2.66 -1.88
N CYS A 16 -4.63 -3.73 -1.39
CA CYS A 16 -6.13 -3.84 -1.40
C CYS A 16 -6.73 -2.86 -0.39
N GLY A 17 -7.96 -2.47 -0.59
CA GLY A 17 -8.59 -1.49 0.36
C GLY A 17 -7.88 -0.15 0.21
N TRP A 18 -7.93 0.40 -0.99
CA TRP A 18 -7.26 1.71 -1.30
C TRP A 18 -6.52 2.33 -0.10
N ASN A 19 -5.24 2.08 -0.03
CA ASN A 19 -4.40 2.63 1.08
C ASN A 19 -3.23 3.41 0.46
N ALA A 20 -2.58 4.25 1.21
CA ALA A 20 -1.46 5.05 0.63
C ALA A 20 -0.11 4.37 0.83
N CYS A 21 0.57 4.07 -0.24
CA CYS A 21 1.94 3.48 -0.13
C CYS A 21 2.87 4.63 0.19
N ALA A 22 3.02 4.96 1.44
CA ALA A 22 3.86 6.13 1.82
C ALA A 22 5.27 5.76 2.29
N LEU A 23 5.42 5.40 3.55
CA LEU A 23 6.77 5.07 4.10
C LEU A 23 7.29 3.74 3.55
N GLY A 24 7.37 3.60 2.25
CA GLY A 24 7.87 2.33 1.63
C GLY A 24 6.80 1.23 1.69
N ILE A 25 5.64 1.53 2.21
CA ILE A 25 4.56 0.50 2.31
C ILE A 25 3.20 1.19 2.30
N CYS A 26 2.12 0.46 2.34
CA CYS A 26 0.78 1.12 2.39
C CYS A 26 0.46 1.40 3.85
N MET A 27 0.25 2.64 4.22
CA MET A 27 -0.02 2.92 5.65
C MET A 27 -0.96 4.13 5.83
N PRO A 28 -0.43 5.34 5.71
CA PRO A 28 -1.26 6.56 5.91
C PRO A 28 -2.17 6.83 4.69
N ARG A 29 -3.24 6.10 4.57
CA ARG A 29 -4.18 6.31 3.43
C ARG A 29 -4.82 7.70 3.48
#